data_7LEJ
#
_entry.id   7LEJ
#
_cell.length_a   72.910
_cell.length_b   72.910
_cell.length_c   50.310
_cell.angle_alpha   90.000
_cell.angle_beta   90.000
_cell.angle_gamma   120.000
#
_symmetry.space_group_name_H-M   'P 32 2 1'
#
loop_
_entity.id
_entity.type
_entity.pdbx_description
1 polymer 'Bromodomain testis-specific protein'
2 non-polymer N-{trans-4-[4-(cyclopropylmethyl)piperazin-1-yl]cyclohexyl}-4-{[(7R)-7-ethyl-5-methyl-8-(1-methylethyl)-6-oxo-5,6,7,8-tetrahydropteridin-2-yl]amino}-3-methoxybenzamide
3 water water
#
_entity_poly.entity_id   1
_entity_poly.type   'polypeptide(L)'
_entity_poly.pdbx_seq_one_letter_code
;AAYFQGAASTVKVTEQLRHCSEILKEMLAKKHFSYAWPFYNPVDVNALGLHNYYDVVKNPMDLGTIKEKMDNQEYKDAYK
FAADVRLMFMNCYKYNPPDHEVVTMARMLQDVFETHFSKIPI
;
_entity_poly.pdbx_strand_id   A
#
# COMPACT_ATOMS: atom_id res chain seq x y z
N ALA A 1 -28.58 -24.13 -3.53
CA ALA A 1 -27.21 -24.22 -4.06
C ALA A 1 -26.81 -22.83 -4.56
N ALA A 2 -27.66 -22.19 -5.36
CA ALA A 2 -27.27 -20.90 -5.97
C ALA A 2 -27.11 -19.84 -4.88
N TYR A 3 -28.03 -19.83 -3.93
CA TYR A 3 -27.96 -18.81 -2.87
C TYR A 3 -26.69 -19.08 -2.04
N PHE A 4 -26.42 -20.36 -1.75
CA PHE A 4 -25.26 -20.69 -0.88
C PHE A 4 -23.97 -20.25 -1.56
N GLN A 5 -23.82 -20.60 -2.84
CA GLN A 5 -22.61 -20.19 -3.55
C GLN A 5 -22.51 -18.67 -3.61
N GLY A 6 -23.65 -17.99 -3.83
CA GLY A 6 -23.64 -16.54 -3.83
C GLY A 6 -23.20 -15.97 -2.50
N ALA A 7 -23.71 -16.53 -1.41
CA ALA A 7 -23.34 -16.05 -0.10
C ALA A 7 -21.87 -16.33 0.19
N ALA A 8 -21.38 -17.51 -0.22
CA ALA A 8 -19.98 -17.83 -0.02
C ALA A 8 -19.08 -16.81 -0.71
N SER A 9 -19.48 -16.34 -1.90
CA SER A 9 -18.70 -15.33 -2.61
C SER A 9 -18.71 -14.00 -1.87
N THR A 10 -19.87 -13.58 -1.39
CA THR A 10 -19.96 -12.33 -0.64
C THR A 10 -19.13 -12.39 0.64
N VAL A 11 -19.25 -13.49 1.38
CA VAL A 11 -18.46 -13.68 2.59
C VAL A 11 -16.97 -13.60 2.28
N LYS A 12 -16.52 -14.30 1.23
CA LYS A 12 -15.10 -14.32 0.89
C LYS A 12 -14.57 -12.93 0.57
N VAL A 13 -15.25 -12.19 -0.32
CA VAL A 13 -14.75 -10.87 -0.69
C VAL A 13 -14.75 -9.95 0.53
N THR A 14 -15.77 -10.07 1.39
CA THR A 14 -15.82 -9.21 2.57
C THR A 14 -14.69 -9.53 3.54
N GLU A 15 -14.46 -10.82 3.78
CA GLU A 15 -13.33 -11.20 4.63
C GLU A 15 -12.02 -10.69 4.06
N GLN A 16 -11.84 -10.80 2.73
CA GLN A 16 -10.60 -10.35 2.12
C GLN A 16 -10.41 -8.86 2.31
N LEU A 17 -11.49 -8.08 2.12
CA LEU A 17 -11.36 -6.63 2.28
C LEU A 17 -11.16 -6.24 3.75
N ARG A 18 -11.73 -7.01 4.68
CA ARG A 18 -11.47 -6.73 6.09
C ARG A 18 -10.01 -7.00 6.44
N HIS A 19 -9.42 -8.06 5.86
CA HIS A 19 -7.99 -8.31 6.00
C HIS A 19 -7.16 -7.14 5.46
N CYS A 20 -7.54 -6.61 4.30
CA CYS A 20 -6.86 -5.43 3.74
C CYS A 20 -6.88 -4.26 4.70
N SER A 21 -8.03 -4.01 5.33
CA SER A 21 -8.11 -2.94 6.32
C SER A 21 -7.18 -3.21 7.49
N GLU A 22 -7.10 -4.47 7.93
CA GLU A 22 -6.19 -4.82 9.03
C GLU A 22 -4.73 -4.60 8.63
N ILE A 23 -4.38 -4.92 7.38
CA ILE A 23 -3.01 -4.75 6.92
C ILE A 23 -2.67 -3.28 6.81
N LEU A 24 -3.59 -2.46 6.30
CA LEU A 24 -3.35 -1.02 6.22
C LEU A 24 -3.14 -0.44 7.61
N LYS A 25 -3.96 -0.84 8.57
CA LYS A 25 -3.77 -0.38 9.94
C LYS A 25 -2.45 -0.87 10.51
N GLU A 26 -2.03 -2.09 10.17
CA GLU A 26 -0.73 -2.58 10.62
C GLU A 26 0.41 -1.74 10.05
N MET A 27 0.33 -1.38 8.76
CA MET A 27 1.41 -0.60 8.16
C MET A 27 1.42 0.82 8.70
N LEU A 28 0.26 1.32 9.10
CA LEU A 28 0.15 2.65 9.71
C LEU A 28 0.32 2.59 11.21
N ALA A 29 0.33 1.38 11.78
CA ALA A 29 0.57 1.24 13.20
C ALA A 29 1.91 1.82 13.52
N LYS A 30 2.09 2.12 14.84
CA LYS A 30 3.30 2.81 15.37
C LYS A 30 4.49 1.89 15.54
N LYS A 31 4.29 0.59 15.68
CA LYS A 31 5.41 -0.35 15.69
C LYS A 31 6.26 -0.28 14.42
N HIS A 32 5.71 0.18 13.31
CA HIS A 32 6.49 0.18 12.07
C HIS A 32 6.98 1.57 11.69
N PHE A 33 6.88 2.53 12.62
CA PHE A 33 7.10 3.93 12.27
C PHE A 33 8.50 4.18 11.71
N SER A 34 9.50 3.48 12.25
CA SER A 34 10.90 3.74 11.92
C SER A 34 11.19 3.62 10.42
N TYR A 35 10.49 2.74 9.72
CA TYR A 35 10.68 2.62 8.28
C TYR A 35 9.44 2.96 7.47
N ALA A 36 8.28 3.13 8.11
CA ALA A 36 7.06 3.44 7.36
C ALA A 36 6.79 4.92 7.17
N TRP A 37 7.37 5.79 8.01
CA TRP A 37 6.99 7.20 7.97
C TRP A 37 7.16 7.86 6.61
N PRO A 38 8.13 7.50 5.75
CA PRO A 38 8.20 8.16 4.43
C PRO A 38 7.03 7.85 3.52
N PHE A 39 6.19 6.88 3.87
CA PHE A 39 5.10 6.42 3.01
C PHE A 39 3.75 6.85 3.55
N TYR A 40 3.73 7.68 4.59
CA TYR A 40 2.49 8.06 5.24
C TYR A 40 1.71 9.06 4.39
N ASN A 41 2.40 9.98 3.73
CA ASN A 41 1.84 11.13 3.06
CA ASN A 41 1.78 11.06 3.02
C ASN A 41 2.40 11.23 1.65
N PRO A 42 1.68 11.86 0.71
CA PRO A 42 2.25 12.06 -0.63
C PRO A 42 3.54 12.86 -0.56
N VAL A 43 4.45 12.53 -1.47
CA VAL A 43 5.70 13.29 -1.60
C VAL A 43 5.38 14.73 -1.95
N ASP A 44 5.93 15.68 -1.18
CA ASP A 44 5.86 17.11 -1.51
C ASP A 44 7.08 17.43 -2.37
N VAL A 45 6.94 17.29 -3.69
CA VAL A 45 8.10 17.36 -4.56
C VAL A 45 8.78 18.73 -4.46
N ASN A 46 8.03 19.80 -4.25
CA ASN A 46 8.66 21.12 -4.25
C ASN A 46 9.53 21.31 -3.02
N ALA A 47 9.01 20.95 -1.85
CA ALA A 47 9.77 21.05 -0.61
C ALA A 47 11.04 20.19 -0.67
N LEU A 48 10.95 19.02 -1.30
CA LEU A 48 12.08 18.09 -1.39
C LEU A 48 13.02 18.39 -2.55
N GLY A 49 12.69 19.35 -3.41
CA GLY A 49 13.56 19.68 -4.51
C GLY A 49 13.56 18.71 -5.67
N LEU A 50 12.51 17.93 -5.85
CA LEU A 50 12.52 16.84 -6.82
C LEU A 50 11.74 17.22 -8.08
N HIS A 51 12.35 18.06 -8.90
CA HIS A 51 11.62 18.55 -10.07
C HIS A 51 11.35 17.47 -11.10
N ASN A 52 11.97 16.30 -11.00
CA ASN A 52 11.77 15.25 -11.98
C ASN A 52 10.93 14.09 -11.45
N TYR A 53 10.39 14.19 -10.23
CA TYR A 53 9.73 13.03 -9.65
C TYR A 53 8.53 12.61 -10.47
N TYR A 54 7.70 13.57 -10.86
CA TYR A 54 6.49 13.22 -11.61
C TYR A 54 6.79 12.81 -13.05
N ASP A 55 7.96 13.14 -13.56
CA ASP A 55 8.37 12.63 -14.87
C ASP A 55 8.70 11.15 -14.79
N VAL A 56 9.32 10.73 -13.69
CA VAL A 56 9.68 9.32 -13.52
C VAL A 56 8.50 8.52 -13.02
N VAL A 57 7.78 9.05 -12.03
CA VAL A 57 6.72 8.33 -11.33
C VAL A 57 5.40 8.82 -11.89
N LYS A 58 4.77 8.02 -12.73
CA LYS A 58 3.55 8.48 -13.40
C LYS A 58 2.32 8.34 -12.52
N ASN A 59 2.32 7.42 -11.57
CA ASN A 59 1.16 7.18 -10.71
C ASN A 59 1.63 7.17 -9.26
N PRO A 60 1.81 8.34 -8.66
CA PRO A 60 2.22 8.39 -7.25
C PRO A 60 1.19 7.72 -6.33
N MET A 61 1.68 7.12 -5.26
CA MET A 61 0.82 6.46 -4.29
C MET A 61 1.48 6.52 -2.92
N ASP A 62 0.65 6.56 -1.88
CA ASP A 62 1.14 6.59 -0.50
C ASP A 62 0.07 6.02 0.39
N LEU A 63 0.45 5.68 1.63
CA LEU A 63 -0.48 5.00 2.54
C LEU A 63 -1.64 5.88 2.89
N GLY A 64 -1.42 7.19 3.02
CA GLY A 64 -2.50 8.09 3.32
C GLY A 64 -3.56 8.11 2.24
N THR A 65 -3.12 8.13 0.98
CA THR A 65 -4.06 8.08 -0.14
C THR A 65 -4.82 6.76 -0.17
N ILE A 66 -4.11 5.64 0.05
CA ILE A 66 -4.77 4.35 0.08
C ILE A 66 -5.84 4.31 1.17
N LYS A 67 -5.54 4.90 2.33
CA LYS A 67 -6.51 4.94 3.42
C LYS A 67 -7.75 5.75 3.03
N GLU A 68 -7.57 6.92 2.39
CA GLU A 68 -8.74 7.69 1.97
C GLU A 68 -9.53 6.95 0.90
N LYS A 69 -8.84 6.27 -0.02
CA LYS A 69 -9.53 5.45 -1.01
C LYS A 69 -10.30 4.32 -0.34
N MET A 70 -9.72 3.68 0.66
CA MET A 70 -10.45 2.61 1.33
C MET A 70 -11.61 3.16 2.14
N ASP A 71 -11.40 4.29 2.82
CA ASP A 71 -12.49 4.91 3.58
C ASP A 71 -13.61 5.40 2.67
N ASN A 72 -13.29 5.71 1.42
CA ASN A 72 -14.28 6.16 0.46
C ASN A 72 -14.83 5.05 -0.42
N GLN A 73 -14.73 3.78 0.01
CA GLN A 73 -15.43 2.68 -0.65
C GLN A 73 -14.82 2.35 -2.02
N GLU A 74 -13.57 2.73 -2.27
CA GLU A 74 -13.08 2.68 -3.64
C GLU A 74 -12.49 1.33 -4.03
N TYR A 75 -12.10 0.50 -3.08
CA TYR A 75 -11.57 -0.83 -3.38
C TYR A 75 -12.71 -1.82 -3.33
N LYS A 76 -13.02 -2.44 -4.46
CA LYS A 76 -14.07 -3.44 -4.54
C LYS A 76 -13.55 -4.85 -4.33
N ASP A 77 -12.23 -5.03 -4.38
CA ASP A 77 -11.62 -6.32 -4.14
C ASP A 77 -10.25 -6.10 -3.53
N ALA A 78 -9.73 -7.14 -2.89
CA ALA A 78 -8.43 -7.06 -2.22
C ALA A 78 -7.27 -6.91 -3.20
N TYR A 79 -7.44 -7.38 -4.44
CA TYR A 79 -6.33 -7.36 -5.38
C TYR A 79 -6.08 -5.95 -5.93
N LYS A 80 -7.12 -5.13 -6.09
CA LYS A 80 -6.91 -3.72 -6.40
C LYS A 80 -6.20 -3.00 -5.26
N PHE A 81 -6.58 -3.29 -4.01
CA PHE A 81 -5.88 -2.74 -2.86
C PHE A 81 -4.40 -3.11 -2.89
N ALA A 82 -4.11 -4.41 -3.05
CA ALA A 82 -2.72 -4.85 -3.04
C ALA A 82 -1.95 -4.21 -4.17
N ALA A 83 -2.59 -4.00 -5.32
CA ALA A 83 -1.86 -3.38 -6.42
C ALA A 83 -1.47 -1.95 -6.11
N ASP A 84 -2.30 -1.24 -5.34
CA ASP A 84 -1.94 0.12 -4.95
C ASP A 84 -0.80 0.11 -3.94
N VAL A 85 -0.81 -0.84 -3.00
CA VAL A 85 0.32 -0.91 -2.07
C VAL A 85 1.61 -1.22 -2.83
N ARG A 86 1.56 -2.21 -3.73
CA ARG A 86 2.78 -2.57 -4.44
C ARG A 86 3.23 -1.45 -5.37
N LEU A 87 2.29 -0.69 -5.93
CA LEU A 87 2.66 0.48 -6.72
C LEU A 87 3.50 1.46 -5.90
N MET A 88 3.06 1.73 -4.66
CA MET A 88 3.81 2.62 -3.78
C MET A 88 5.27 2.17 -3.66
N PHE A 89 5.49 0.87 -3.48
CA PHE A 89 6.87 0.38 -3.36
C PHE A 89 7.59 0.46 -4.68
N MET A 90 6.94 0.04 -5.77
CA MET A 90 7.55 0.06 -7.10
CA MET A 90 7.59 0.05 -7.08
C MET A 90 8.02 1.46 -7.47
N ASN A 91 7.23 2.47 -7.10
CA ASN A 91 7.63 3.85 -7.37
C ASN A 91 8.93 4.19 -6.64
N CYS A 92 9.03 3.81 -5.37
CA CYS A 92 10.24 4.04 -4.59
C CYS A 92 11.46 3.39 -5.25
N TYR A 93 11.33 2.14 -5.67
CA TYR A 93 12.47 1.45 -6.26
C TYR A 93 12.84 2.01 -7.62
N LYS A 94 11.86 2.53 -8.36
CA LYS A 94 12.16 3.09 -9.69
C LYS A 94 12.87 4.43 -9.58
N TYR A 95 12.46 5.27 -8.63
CA TYR A 95 12.97 6.63 -8.56
C TYR A 95 14.34 6.72 -7.91
N ASN A 96 14.59 5.91 -6.84
CA ASN A 96 15.75 6.11 -5.99
C ASN A 96 16.86 5.11 -6.30
N PRO A 97 18.12 5.52 -6.12
CA PRO A 97 19.21 4.55 -6.20
C PRO A 97 19.08 3.54 -5.06
N PRO A 98 19.50 2.30 -5.28
CA PRO A 98 19.25 1.26 -4.27
C PRO A 98 19.97 1.50 -2.97
N ASP A 99 20.95 2.38 -2.94
CA ASP A 99 21.74 2.67 -1.76
C ASP A 99 21.13 3.75 -0.88
N HIS A 100 20.00 4.32 -1.28
CA HIS A 100 19.36 5.33 -0.46
C HIS A 100 18.60 4.68 0.68
N GLU A 101 18.69 5.29 1.86
CA GLU A 101 18.06 4.72 3.04
C GLU A 101 16.56 4.54 2.86
N VAL A 102 15.92 5.39 2.05
CA VAL A 102 14.47 5.25 1.89
C VAL A 102 14.14 3.93 1.20
N VAL A 103 15.05 3.43 0.34
CA VAL A 103 14.79 2.17 -0.35
C VAL A 103 14.87 1.02 0.64
N THR A 104 15.87 1.05 1.52
CA THR A 104 15.93 0.10 2.63
C THR A 104 14.65 0.11 3.45
N MET A 105 14.11 1.31 3.70
CA MET A 105 12.88 1.39 4.48
C MET A 105 11.71 0.78 3.72
N ALA A 106 11.61 1.08 2.42
CA ALA A 106 10.58 0.46 1.60
C ALA A 106 10.66 -1.06 1.65
N ARG A 107 11.88 -1.60 1.54
CA ARG A 107 12.02 -3.06 1.56
CA ARG A 107 12.00 -3.07 1.56
C ARG A 107 11.54 -3.65 2.88
N MET A 108 11.81 -2.95 3.99
CA MET A 108 11.36 -3.45 5.28
C MET A 108 9.83 -3.40 5.37
N LEU A 109 9.23 -2.30 4.90
CA LEU A 109 7.77 -2.22 4.98
C LEU A 109 7.13 -3.19 4.01
N GLN A 110 7.73 -3.36 2.84
CA GLN A 110 7.18 -4.31 1.88
C GLN A 110 7.21 -5.73 2.45
N ASP A 111 8.29 -6.08 3.15
CA ASP A 111 8.34 -7.41 3.75
C ASP A 111 7.20 -7.61 4.75
N VAL A 112 6.93 -6.59 5.56
CA VAL A 112 5.80 -6.62 6.49
C VAL A 112 4.50 -6.82 5.72
N PHE A 113 4.27 -6.01 4.69
CA PHE A 113 3.05 -6.13 3.90
C PHE A 113 2.91 -7.52 3.29
N GLU A 114 3.96 -8.01 2.64
CA GLU A 114 3.84 -9.29 1.93
C GLU A 114 3.61 -10.42 2.91
N THR A 115 4.27 -10.39 4.07
CA THR A 115 4.04 -11.43 5.06
C THR A 115 2.58 -11.46 5.49
N HIS A 116 1.99 -10.29 5.76
CA HIS A 116 0.59 -10.26 6.16
C HIS A 116 -0.34 -10.60 5.01
N PHE A 117 -0.01 -10.15 3.79
CA PHE A 117 -0.88 -10.42 2.65
C PHE A 117 -0.87 -11.88 2.28
N SER A 118 0.28 -12.54 2.46
CA SER A 118 0.37 -13.97 2.16
C SER A 118 -0.61 -14.77 2.99
N LYS A 119 -1.20 -14.16 4.02
CA LYS A 119 -2.16 -14.86 4.93
C LYS A 119 -3.61 -14.50 4.59
N ILE A 120 -3.81 -13.75 3.52
CA ILE A 120 -5.18 -13.39 3.07
C ILE A 120 -5.93 -14.67 2.73
N PRO A 121 -7.21 -14.81 3.11
CA PRO A 121 -7.96 -16.00 2.68
C PRO A 121 -8.24 -16.00 1.20
#